data_8F2P
#
_entry.id   8F2P
#
_cell.length_a   84.051
_cell.length_b   84.051
_cell.length_c   83.260
_cell.angle_alpha   90.00
_cell.angle_beta   90.00
_cell.angle_gamma   90.00
#
_symmetry.space_group_name_H-M   'P 41 21 2'
#
loop_
_entity.id
_entity.type
_entity.pdbx_description
1 polymer 'C-terminal core protein'
2 polymer 'Tyrosine-protein kinase HCK'
3 water water
#
loop_
_entity_poly.entity_id
_entity_poly.type
_entity_poly.pdbx_seq_one_letter_code
_entity_poly.pdbx_strand_id
1 'polypeptide(L)'
;MLEAQEEEEVGFPVRPQVPLRPMTYKAALDISHFLKEKGGLEGLIWSQRRQEILDDWIYHTQGYFPDWQNYTPGPGIRYP
LTFGWCFKLVPVEPEKVEEANEGENNSLLHPMSLHGMEDAEKEVLVWRFDSKLAFHHMARELHPEYYKD
;
A
2 'polypeptide(L)' MGSEDIIVVALYDYEAIHHEDLSFQKGDQMVVLEESGEWWKARSLATRKEGYIPSNYVARVDSLELEHHHHHH B
#
# COMPACT_ATOMS: atom_id res chain seq x y z
N VAL A 14 4.34 17.69 6.51
CA VAL A 14 4.36 17.41 7.93
C VAL A 14 5.09 16.09 8.21
N ARG A 15 4.54 14.99 7.69
CA ARG A 15 5.17 13.69 7.87
C ARG A 15 6.37 13.56 6.94
N PRO A 16 7.49 13.02 7.42
CA PRO A 16 8.65 12.77 6.57
C PRO A 16 8.50 11.44 5.83
N GLN A 17 9.50 11.14 5.01
CA GLN A 17 9.53 9.93 4.20
C GLN A 17 9.83 8.71 5.07
N VAL A 18 8.97 7.71 5.01
CA VAL A 18 9.10 6.51 5.82
C VAL A 18 10.11 5.58 5.17
N PRO A 19 10.77 4.71 5.94
CA PRO A 19 11.79 3.82 5.35
C PRO A 19 11.20 2.89 4.30
N LEU A 20 12.00 2.60 3.28
CA LEU A 20 11.57 1.81 2.13
C LEU A 20 11.45 0.33 2.50
N ARG A 21 10.51 -0.33 1.83
CA ARG A 21 10.28 -1.76 2.02
C ARG A 21 9.72 -2.34 0.72
N PRO A 22 9.89 -3.64 0.51
CA PRO A 22 9.38 -4.25 -0.74
C PRO A 22 7.87 -4.44 -0.71
N MET A 23 7.28 -4.49 -1.90
CA MET A 23 5.87 -4.79 -2.04
C MET A 23 5.64 -6.30 -2.03
N THR A 24 4.59 -6.73 -1.33
CA THR A 24 4.23 -8.14 -1.28
C THR A 24 2.78 -8.33 -1.71
N TYR A 25 2.40 -9.61 -1.86
CA TYR A 25 1.01 -9.93 -2.16
C TYR A 25 0.08 -9.49 -1.03
N LYS A 26 0.50 -9.73 0.21
CA LYS A 26 -0.31 -9.33 1.37
C LYS A 26 -0.43 -7.82 1.47
N ALA A 27 0.67 -7.09 1.26
CA ALA A 27 0.63 -5.64 1.33
C ALA A 27 -0.25 -5.07 0.22
N ALA A 28 -0.20 -5.67 -0.96
CA ALA A 28 -1.06 -5.24 -2.05
C ALA A 28 -2.53 -5.48 -1.74
N LEU A 29 -2.84 -6.62 -1.11
CA LEU A 29 -4.20 -6.89 -0.65
C LEU A 29 -4.67 -5.82 0.34
N ASP A 30 -3.85 -5.56 1.37
CA ASP A 30 -4.25 -4.66 2.44
C ASP A 30 -4.41 -3.23 1.94
N ILE A 31 -3.54 -2.79 1.04
CA ILE A 31 -3.71 -1.47 0.44
C ILE A 31 -4.97 -1.43 -0.42
N SER A 32 -5.25 -2.51 -1.15
CA SER A 32 -6.49 -2.59 -1.92
C SER A 32 -7.70 -2.43 -1.02
N HIS A 33 -7.76 -3.23 0.06
CA HIS A 33 -8.92 -3.21 0.95
C HIS A 33 -9.07 -1.86 1.64
N PHE A 34 -7.96 -1.24 2.04
CA PHE A 34 -8.04 0.06 2.69
C PHE A 34 -8.62 1.11 1.74
N LEU A 35 -8.26 1.06 0.47
CA LEU A 35 -8.77 2.04 -0.49
C LEU A 35 -10.25 1.82 -0.76
N LYS A 36 -10.70 0.56 -0.78
CA LYS A 36 -12.11 0.29 -0.94
C LYS A 36 -12.90 0.75 0.28
N GLU A 37 -12.32 0.61 1.48
CA GLU A 37 -13.00 1.01 2.70
C GLU A 37 -13.02 2.52 2.86
N LYS A 38 -11.93 3.18 2.47
CA LYS A 38 -11.86 4.64 2.64
C LYS A 38 -12.77 5.35 1.64
N GLY A 39 -12.81 4.87 0.41
CA GLY A 39 -13.53 5.54 -0.66
C GLY A 39 -12.64 6.53 -1.38
N GLY A 40 -13.02 6.81 -2.63
CA GLY A 40 -12.28 7.76 -3.44
C GLY A 40 -11.78 7.18 -4.75
N LEU A 41 -11.26 5.96 -4.72
CA LEU A 41 -10.68 5.36 -5.92
C LEU A 41 -11.76 4.75 -6.81
N GLU A 42 -12.69 4.01 -6.20
CA GLU A 42 -13.73 3.32 -6.96
C GLU A 42 -14.59 4.32 -7.74
N GLY A 43 -14.78 4.04 -9.04
CA GLY A 43 -15.57 4.89 -9.90
C GLY A 43 -14.85 6.11 -10.43
N LEU A 44 -13.63 6.38 -9.98
CA LEU A 44 -12.91 7.57 -10.40
C LEU A 44 -12.33 7.39 -11.81
N ILE A 45 -12.36 8.46 -12.60
CA ILE A 45 -11.78 8.41 -13.94
C ILE A 45 -10.26 8.37 -13.83
N TRP A 46 -9.63 7.48 -14.60
CA TRP A 46 -8.19 7.32 -14.53
C TRP A 46 -7.48 8.44 -15.28
N SER A 47 -6.37 8.89 -14.72
CA SER A 47 -5.48 9.83 -15.39
C SER A 47 -4.06 9.56 -14.90
N GLN A 48 -3.08 9.85 -15.75
CA GLN A 48 -1.69 9.66 -15.37
C GLN A 48 -1.36 10.49 -14.13
N ARG A 49 -1.87 11.73 -14.08
CA ARG A 49 -1.60 12.62 -12.95
C ARG A 49 -2.18 12.04 -11.65
N ARG A 50 -3.38 11.47 -11.72
CA ARG A 50 -3.97 10.87 -10.52
C ARG A 50 -3.21 9.60 -10.12
N GLN A 51 -2.78 8.80 -11.10
CA GLN A 51 -1.98 7.62 -10.81
C GLN A 51 -0.66 8.00 -10.12
N GLU A 52 -0.07 9.13 -10.50
CA GLU A 52 1.16 9.59 -9.86
C GLU A 52 0.90 10.05 -8.43
N ILE A 53 -0.22 10.75 -8.21
CA ILE A 53 -0.58 11.20 -6.86
C ILE A 53 -0.73 10.00 -5.93
N LEU A 54 -1.37 8.93 -6.41
CA LEU A 54 -1.59 7.77 -5.56
C LEU A 54 -0.28 7.02 -5.32
N ASP A 55 0.47 6.75 -6.40
CA ASP A 55 1.73 6.04 -6.27
C ASP A 55 2.68 6.76 -5.32
N ASP A 56 2.81 8.08 -5.47
CA ASP A 56 3.74 8.83 -4.62
C ASP A 56 3.24 8.95 -3.20
N TRP A 57 1.92 8.91 -2.99
CA TRP A 57 1.39 8.91 -1.63
C TRP A 57 1.76 7.63 -0.91
N ILE A 58 1.50 6.47 -1.55
CA ILE A 58 1.90 5.18 -0.98
C ILE A 58 3.39 5.19 -0.66
N TYR A 59 4.19 5.83 -1.50
CA TYR A 59 5.63 5.79 -1.34
C TYR A 59 6.09 6.67 -0.17
N HIS A 60 5.49 7.84 -0.01
CA HIS A 60 5.89 8.72 1.09
C HIS A 60 5.33 8.25 2.43
N THR A 61 4.11 7.69 2.43
CA THR A 61 3.50 7.30 3.69
C THR A 61 3.88 5.88 4.11
N GLN A 62 4.04 4.98 3.14
CA GLN A 62 4.25 3.56 3.43
C GLN A 62 5.52 2.98 2.84
N GLY A 63 6.28 3.73 2.06
CA GLY A 63 7.59 3.29 1.64
C GLY A 63 7.62 2.21 0.58
N TYR A 64 6.53 2.04 -0.17
CA TYR A 64 6.54 1.15 -1.32
C TYR A 64 6.83 1.98 -2.57
N PHE A 65 7.90 1.63 -3.28
CA PHE A 65 8.27 2.37 -4.46
C PHE A 65 7.19 2.22 -5.53
N PRO A 66 6.97 3.25 -6.37
CA PRO A 66 5.93 3.14 -7.40
C PRO A 66 6.29 2.20 -8.54
N ASP A 67 6.43 0.90 -8.25
CA ASP A 67 6.76 -0.09 -9.27
C ASP A 67 5.76 -1.24 -9.32
N TRP A 68 4.64 -1.14 -8.64
CA TRP A 68 3.69 -2.23 -8.47
C TRP A 68 2.30 -1.91 -9.03
N GLN A 69 2.10 -0.71 -9.56
CA GLN A 69 0.78 -0.23 -9.96
C GLN A 69 0.65 -0.15 -11.48
N ASN A 70 1.16 -1.14 -12.18
CA ASN A 70 1.04 -1.22 -13.62
C ASN A 70 0.01 -2.28 -14.01
N TYR A 71 -0.68 -2.04 -15.11
CA TYR A 71 -1.73 -2.91 -15.61
C TYR A 71 -1.32 -3.45 -16.98
N THR A 72 -2.09 -4.41 -17.48
CA THR A 72 -1.87 -4.93 -18.82
C THR A 72 -2.18 -3.86 -19.85
N PRO A 73 -1.44 -3.82 -20.96
CA PRO A 73 -1.73 -2.83 -21.99
C PRO A 73 -3.04 -3.14 -22.69
N GLY A 74 -3.66 -2.08 -23.22
CA GLY A 74 -4.96 -2.19 -23.83
C GLY A 74 -4.92 -3.00 -25.11
N PRO A 75 -6.08 -3.12 -25.77
CA PRO A 75 -7.34 -2.46 -25.42
C PRO A 75 -8.15 -3.24 -24.38
N GLY A 76 -9.37 -2.79 -24.10
CA GLY A 76 -10.24 -3.48 -23.17
C GLY A 76 -9.83 -3.25 -21.73
N ILE A 77 -10.33 -4.14 -20.87
CA ILE A 77 -10.08 -4.03 -19.43
C ILE A 77 -8.60 -4.24 -19.15
N ARG A 78 -8.00 -3.29 -18.43
CA ARG A 78 -6.61 -3.40 -18.01
C ARG A 78 -6.54 -4.11 -16.66
N TYR A 79 -5.73 -5.16 -16.58
CA TYR A 79 -5.66 -5.97 -15.37
C TYR A 79 -4.35 -5.75 -14.65
N PRO A 80 -4.35 -5.77 -13.31
CA PRO A 80 -3.14 -5.42 -12.56
C PRO A 80 -2.05 -6.47 -12.74
N LEU A 81 -0.82 -5.99 -12.93
CA LEU A 81 0.30 -6.90 -13.11
C LEU A 81 0.77 -7.49 -11.79
N THR A 82 0.70 -6.71 -10.71
CA THR A 82 1.12 -7.17 -9.38
C THR A 82 -0.03 -7.95 -8.74
N PHE A 83 0.13 -9.26 -8.62
CA PHE A 83 -0.86 -10.07 -7.94
C PHE A 83 -1.04 -9.59 -6.51
N GLY A 84 -2.29 -9.34 -6.13
CA GLY A 84 -2.64 -8.75 -4.85
C GLY A 84 -3.28 -7.37 -4.97
N TRP A 85 -2.92 -6.63 -6.01
CA TRP A 85 -3.60 -5.38 -6.33
C TRP A 85 -4.95 -5.71 -6.94
N CYS A 86 -6.03 -5.25 -6.29
CA CYS A 86 -7.37 -5.71 -6.61
C CYS A 86 -8.22 -4.65 -7.30
N PHE A 87 -7.59 -3.63 -7.90
CA PHE A 87 -8.28 -2.69 -8.77
C PHE A 87 -7.94 -2.97 -10.22
N LYS A 88 -8.93 -2.78 -11.09
CA LYS A 88 -8.75 -2.91 -12.53
C LYS A 88 -9.33 -1.69 -13.21
N LEU A 89 -8.81 -1.39 -14.40
CA LEU A 89 -9.23 -0.24 -15.18
C LEU A 89 -10.22 -0.71 -16.25
N VAL A 90 -11.42 -0.17 -16.22
CA VAL A 90 -12.52 -0.59 -17.10
C VAL A 90 -12.87 0.56 -17.99
N PRO A 91 -12.98 0.36 -19.31
CA PRO A 91 -13.44 1.43 -20.21
C PRO A 91 -14.93 1.67 -20.08
N VAL A 92 -15.32 2.93 -20.28
CA VAL A 92 -16.72 3.34 -20.23
C VAL A 92 -17.08 4.01 -21.55
N GLU A 93 -18.33 3.87 -21.94
CA GLU A 93 -18.82 4.50 -23.17
C GLU A 93 -19.81 5.60 -22.84
N LYS A 122 -7.20 5.99 -27.61
CA LYS A 122 -7.74 7.04 -26.74
C LYS A 122 -9.07 6.60 -26.12
N GLU A 123 -8.97 5.94 -24.97
CA GLU A 123 -10.13 5.42 -24.26
C GLU A 123 -10.54 6.37 -23.14
N VAL A 124 -11.39 5.90 -22.24
CA VAL A 124 -11.65 6.54 -20.96
C VAL A 124 -11.87 5.42 -19.95
N LEU A 125 -11.07 5.43 -18.88
CA LEU A 125 -11.05 4.32 -17.93
C LEU A 125 -11.44 4.78 -16.54
N VAL A 126 -12.09 3.88 -15.79
CA VAL A 126 -12.42 4.11 -14.39
C VAL A 126 -11.82 2.99 -13.56
N TRP A 127 -11.42 3.33 -12.33
CA TRP A 127 -10.98 2.32 -11.38
C TRP A 127 -12.16 1.48 -10.92
N ARG A 128 -11.98 0.16 -10.81
CA ARG A 128 -13.06 -0.72 -10.30
C ARG A 128 -12.43 -1.81 -9.44
N PHE A 129 -12.96 -2.02 -8.23
CA PHE A 129 -12.46 -3.10 -7.35
C PHE A 129 -13.08 -4.42 -7.79
N ASP A 130 -12.25 -5.47 -7.85
CA ASP A 130 -12.78 -6.81 -8.15
C ASP A 130 -12.15 -7.75 -7.12
N SER A 131 -12.99 -8.42 -6.33
CA SER A 131 -12.48 -9.31 -5.26
C SER A 131 -11.95 -10.59 -5.91
N LYS A 132 -12.40 -10.88 -7.12
CA LYS A 132 -11.90 -12.07 -7.84
C LYS A 132 -10.39 -11.90 -8.02
N LEU A 133 -9.92 -10.65 -8.10
CA LEU A 133 -8.50 -10.43 -8.34
C LEU A 133 -7.64 -10.88 -7.17
N ALA A 134 -8.23 -11.05 -5.99
CA ALA A 134 -7.47 -11.56 -4.86
C ALA A 134 -7.05 -13.00 -5.05
N PHE A 135 -7.83 -13.78 -5.80
CA PHE A 135 -7.58 -15.20 -5.96
C PHE A 135 -7.24 -15.64 -7.38
N HIS A 136 -7.54 -14.82 -8.39
CA HIS A 136 -7.20 -15.10 -9.77
C HIS A 136 -6.19 -14.07 -10.25
N HIS A 137 -4.97 -14.50 -10.53
CA HIS A 137 -4.00 -13.60 -11.16
C HIS A 137 -4.37 -13.43 -12.62
N MET A 138 -5.24 -12.45 -12.91
CA MET A 138 -5.84 -12.34 -14.23
C MET A 138 -4.82 -11.98 -15.30
N ALA A 139 -3.82 -11.20 -14.95
CA ALA A 139 -2.77 -10.85 -15.91
C ALA A 139 -1.95 -12.07 -16.30
N ARG A 140 -1.58 -12.90 -15.31
CA ARG A 140 -0.82 -14.10 -15.62
C ARG A 140 -1.63 -15.09 -16.44
N GLU A 141 -2.96 -15.09 -16.28
CA GLU A 141 -3.80 -15.96 -17.10
C GLU A 141 -3.83 -15.52 -18.55
N LEU A 142 -3.75 -14.21 -18.80
CA LEU A 142 -3.85 -13.69 -20.16
C LEU A 142 -2.49 -13.51 -20.84
N HIS A 143 -1.46 -13.14 -20.07
CA HIS A 143 -0.12 -12.90 -20.59
C HIS A 143 0.89 -13.76 -19.83
N PRO A 144 0.88 -15.08 -20.04
CA PRO A 144 1.86 -15.93 -19.36
C PRO A 144 3.30 -15.54 -19.62
N GLU A 145 3.57 -14.91 -20.77
CA GLU A 145 4.93 -14.53 -21.12
C GLU A 145 5.53 -13.56 -20.13
N TYR A 146 4.69 -12.75 -19.46
CA TYR A 146 5.21 -11.82 -18.46
C TYR A 146 5.75 -12.54 -17.23
N TYR A 147 5.41 -13.82 -17.05
CA TYR A 147 5.66 -14.54 -15.81
C TYR A 147 6.30 -15.90 -16.02
N LYS A 148 6.72 -16.23 -17.25
CA LYS A 148 7.26 -17.55 -17.51
CA LYS A 148 7.25 -17.56 -17.51
C LYS A 148 8.68 -17.71 -16.99
N ASP A 149 9.42 -16.61 -16.91
CA ASP A 149 10.81 -16.69 -16.43
C ASP A 149 11.14 -15.57 -15.45
N ASP B 5 12.50 -1.36 28.29
CA ASP B 5 13.92 -0.92 28.38
C ASP B 5 14.23 0.04 27.22
N ILE B 6 13.52 -0.08 26.10
CA ILE B 6 13.73 0.88 24.97
C ILE B 6 12.42 1.64 24.74
N ILE B 7 12.24 2.76 25.43
CA ILE B 7 10.98 3.53 25.30
C ILE B 7 11.19 4.67 24.30
N VAL B 8 10.30 4.81 23.33
CA VAL B 8 10.44 5.85 22.28
C VAL B 8 9.19 6.74 22.29
N VAL B 9 9.33 7.98 21.84
CA VAL B 9 8.18 8.92 21.77
C VAL B 9 7.93 9.25 20.30
N ALA B 10 6.67 9.31 19.89
CA ALA B 10 6.35 9.61 18.50
C ALA B 10 6.56 11.09 18.21
N LEU B 11 7.20 11.37 17.08
CA LEU B 11 7.39 12.75 16.62
C LEU B 11 6.36 13.19 15.60
N TYR B 12 5.76 12.25 14.87
CA TYR B 12 4.78 12.57 13.84
C TYR B 12 3.60 11.62 13.95
N ASP B 13 2.48 12.03 13.38
CA ASP B 13 1.34 11.14 13.24
C ASP B 13 1.66 10.07 12.21
N TYR B 14 1.27 8.83 12.50
CA TYR B 14 1.41 7.74 11.55
C TYR B 14 0.11 6.94 11.52
N GLU B 15 -0.44 6.75 10.32
CA GLU B 15 -1.61 5.92 10.11
C GLU B 15 -1.19 4.66 9.37
N ALA B 16 -1.49 3.51 9.97
CA ALA B 16 -1.08 2.24 9.39
C ALA B 16 -2.10 1.76 8.35
N ILE B 17 -1.60 1.35 7.19
CA ILE B 17 -2.43 0.72 6.17
C ILE B 17 -2.27 -0.79 6.19
N HIS B 18 -1.03 -1.27 6.12
CA HIS B 18 -0.73 -2.68 6.27
C HIS B 18 -1.18 -3.16 7.65
N HIS B 19 -1.84 -4.32 7.67
CA HIS B 19 -2.50 -4.80 8.89
C HIS B 19 -1.51 -5.06 10.03
N GLU B 20 -0.24 -5.35 9.74
CA GLU B 20 0.74 -5.66 10.77
C GLU B 20 1.56 -4.42 11.18
N ASP B 21 1.03 -3.22 10.96
CA ASP B 21 1.67 -1.99 11.40
C ASP B 21 0.88 -1.35 12.52
N LEU B 22 1.52 -0.42 13.22
CA LEU B 22 0.96 0.22 14.41
C LEU B 22 0.80 1.72 14.15
N SER B 23 -0.44 2.18 14.20
CA SER B 23 -0.73 3.60 14.10
C SER B 23 -0.42 4.29 15.43
N PHE B 24 -0.18 5.59 15.36
CA PHE B 24 0.06 6.39 16.56
C PHE B 24 -0.06 7.87 16.21
N GLN B 25 0.04 8.70 17.24
CA GLN B 25 -0.07 10.15 17.11
C GLN B 25 1.15 10.82 17.74
N LYS B 26 1.36 12.07 17.35
CA LYS B 26 2.44 12.89 17.89
C LYS B 26 2.42 12.87 19.42
N GLY B 27 3.52 12.39 20.02
CA GLY B 27 3.67 12.37 21.46
C GLY B 27 3.45 11.03 22.10
N ASP B 28 2.90 10.06 21.36
CA ASP B 28 2.63 8.74 21.94
C ASP B 28 3.93 8.04 22.32
N GLN B 29 3.92 7.41 23.50
CA GLN B 29 5.05 6.63 23.96
C GLN B 29 4.87 5.17 23.59
N MET B 30 5.96 4.54 23.16
CA MET B 30 5.94 3.13 22.75
C MET B 30 7.18 2.43 23.28
N VAL B 31 7.04 1.13 23.49
CA VAL B 31 8.17 0.24 23.80
C VAL B 31 8.55 -0.48 22.51
N VAL B 32 9.84 -0.50 22.20
CA VAL B 32 10.33 -1.17 20.99
C VAL B 32 10.65 -2.63 21.34
N LEU B 33 10.01 -3.54 20.63
CA LEU B 33 10.20 -4.97 20.86
C LEU B 33 11.31 -5.55 19.99
N GLU B 34 11.37 -5.14 18.73
CA GLU B 34 12.32 -5.69 17.76
C GLU B 34 12.87 -4.56 16.92
N GLU B 35 14.14 -4.67 16.53
CA GLU B 35 14.80 -3.63 15.74
C GLU B 35 15.45 -4.20 14.48
N SER B 36 15.01 -5.36 14.01
CA SER B 36 15.52 -5.93 12.77
C SER B 36 14.98 -5.11 11.59
N GLY B 37 15.83 -4.31 10.98
CA GLY B 37 15.47 -3.49 9.84
C GLY B 37 15.28 -2.03 10.22
N GLU B 38 14.66 -1.30 9.29
CA GLU B 38 14.28 0.09 9.51
C GLU B 38 12.84 0.24 9.98
N TRP B 39 12.04 -0.82 9.89
CA TRP B 39 10.71 -0.86 10.49
C TRP B 39 10.79 -1.69 11.77
N TRP B 40 10.54 -1.05 12.91
CA TRP B 40 10.65 -1.71 14.20
C TRP B 40 9.29 -2.14 14.70
N LYS B 41 9.23 -3.34 15.28
CA LYS B 41 8.04 -3.77 16.01
C LYS B 41 8.02 -3.09 17.37
N ALA B 42 6.91 -2.42 17.67
CA ALA B 42 6.76 -1.72 18.94
C ALA B 42 5.38 -1.99 19.51
N ARG B 43 5.21 -1.64 20.78
CA ARG B 43 3.93 -1.76 21.47
C ARG B 43 3.54 -0.41 22.05
N SER B 44 2.27 -0.06 21.92
CA SER B 44 1.77 1.18 22.50
C SER B 44 1.67 1.03 24.01
N LEU B 45 2.05 2.10 24.73
CA LEU B 45 1.86 2.09 26.17
C LEU B 45 0.41 2.36 26.54
N ALA B 46 -0.35 3.01 25.66
CA ALA B 46 -1.72 3.38 25.98
C ALA B 46 -2.70 2.26 25.64
N THR B 47 -2.61 1.71 24.43
CA THR B 47 -3.52 0.66 23.99
C THR B 47 -2.92 -0.74 24.06
N ARG B 48 -1.60 -0.85 24.19
CA ARG B 48 -0.91 -2.14 24.16
C ARG B 48 -1.17 -2.87 22.84
N LYS B 49 -1.48 -2.09 21.79
CA LYS B 49 -1.44 -2.62 20.44
C LYS B 49 0.02 -2.82 20.02
N GLU B 50 0.24 -3.81 19.18
CA GLU B 50 1.58 -4.15 18.70
C GLU B 50 1.62 -4.09 17.18
N GLY B 51 2.79 -3.74 16.66
CA GLY B 51 2.97 -3.66 15.22
C GLY B 51 4.27 -2.96 14.89
N TYR B 52 4.57 -2.93 13.59
CA TYR B 52 5.76 -2.28 13.08
C TYR B 52 5.52 -0.79 12.90
N ILE B 53 6.59 -0.01 13.05
CA ILE B 53 6.49 1.45 12.98
C ILE B 53 7.68 2.00 12.22
N PRO B 54 7.50 3.13 11.54
CA PRO B 54 8.62 3.77 10.84
C PRO B 54 9.63 4.32 11.85
N SER B 55 10.83 3.74 11.88
CA SER B 55 11.78 4.02 12.94
C SER B 55 12.20 5.48 12.99
N ASN B 56 12.08 6.22 11.88
CA ASN B 56 12.47 7.61 11.86
C ASN B 56 11.37 8.56 12.32
N TYR B 57 10.20 8.05 12.68
CA TYR B 57 9.11 8.85 13.21
C TYR B 57 9.13 8.97 14.73
N VAL B 58 10.18 8.45 15.39
CA VAL B 58 10.21 8.29 16.84
C VAL B 58 11.61 8.64 17.35
N ALA B 59 11.71 8.82 18.67
CA ALA B 59 12.94 9.36 19.27
C ALA B 59 13.21 8.73 20.63
N ARG B 60 14.49 8.59 20.96
CA ARG B 60 14.98 8.05 22.25
C ARG B 60 14.75 6.54 22.35
#